data_6Z1Z
#
_entry.id   6Z1Z
#
_cell.length_a   48.901
_cell.length_b   41.417
_cell.length_c   56.853
_cell.angle_alpha   90.000
_cell.angle_beta   89.691
_cell.angle_gamma   90.000
#
_symmetry.space_group_name_H-M   'P 1 21 1'
#
loop_
_entity.id
_entity.type
_entity.pdbx_description
1 polymer 'Nanobody 4C8'
2 water water
#
_entity_poly.entity_id   1
_entity_poly.type   'polypeptide(L)'
_entity_poly.pdbx_seq_one_letter_code
;EVQLVESGGGLVQAGGSLRLSCAASGRTFSDYVMGWFRQAPGKERTFVARIGWSGDLTYYADSVKGRFTISRDNAKNTVY
LQMNSLKPEDTAIYYCAADERWGTGGKFDYWGQGTQVTVSSHGSGLVPR
;
_entity_poly.pdbx_strand_id   A,B
#
# COMPACT_ATOMS: atom_id res chain seq x y z
N GLU A 1 -15.97 -5.39 17.49
CA GLU A 1 -15.41 -5.22 16.16
C GLU A 1 -15.69 -6.45 15.29
N VAL A 2 -15.55 -6.29 13.99
CA VAL A 2 -15.80 -7.37 13.04
C VAL A 2 -14.50 -8.15 12.85
N GLN A 3 -14.62 -9.48 12.84
CA GLN A 3 -13.50 -10.36 12.55
C GLN A 3 -13.71 -11.01 11.19
N LEU A 4 -12.64 -11.06 10.40
CA LEU A 4 -12.68 -11.62 9.05
C LEU A 4 -11.71 -12.80 8.98
N VAL A 5 -12.21 -13.94 8.49
CA VAL A 5 -11.42 -15.16 8.38
C VAL A 5 -11.52 -15.67 6.94
N GLU A 6 -10.40 -15.61 6.22
CA GLU A 6 -10.37 -16.06 4.84
C GLU A 6 -10.13 -17.57 4.77
N SER A 7 -10.63 -18.17 3.69
CA SER A 7 -10.39 -19.57 3.39
C SER A 7 -10.29 -19.74 1.88
N GLY A 8 -9.70 -20.85 1.45
CA GLY A 8 -9.76 -21.26 0.06
C GLY A 8 -8.50 -21.09 -0.76
N GLY A 9 -7.44 -20.53 -0.20
CA GLY A 9 -6.21 -20.38 -0.95
C GLY A 9 -5.60 -21.72 -1.33
N GLY A 10 -4.78 -21.70 -2.38
CA GLY A 10 -4.13 -22.93 -2.80
C GLY A 10 -3.26 -22.70 -4.02
N LEU A 11 -2.68 -23.81 -4.49
CA LEU A 11 -1.84 -23.84 -5.68
C LEU A 11 -2.65 -24.35 -6.85
N VAL A 12 -2.61 -23.63 -7.97
CA VAL A 12 -3.38 -23.99 -9.16
C VAL A 12 -2.55 -23.74 -10.40
N GLN A 13 -2.81 -24.53 -11.44
CA GLN A 13 -2.15 -24.36 -12.71
C GLN A 13 -2.77 -23.21 -13.50
N ALA A 14 -1.95 -22.52 -14.27
CA ALA A 14 -2.43 -21.44 -15.13
C ALA A 14 -3.60 -21.94 -15.96
N GLY A 15 -4.61 -21.09 -16.10
CA GLY A 15 -5.84 -21.45 -16.77
C GLY A 15 -6.91 -22.03 -15.86
N GLY A 16 -6.55 -22.39 -14.63
CA GLY A 16 -7.49 -22.97 -13.68
C GLY A 16 -8.27 -21.92 -12.93
N SER A 17 -8.82 -22.33 -11.79
CA SER A 17 -9.66 -21.44 -11.00
C SER A 17 -9.56 -21.79 -9.51
N LEU A 18 -9.94 -20.82 -8.68
CA LEU A 18 -10.03 -20.98 -7.24
C LEU A 18 -11.19 -20.13 -6.74
N ARG A 19 -11.81 -20.57 -5.64
CA ARG A 19 -12.78 -19.76 -4.93
C ARG A 19 -12.25 -19.45 -3.54
N LEU A 20 -12.06 -18.16 -3.26
CA LEU A 20 -11.77 -17.69 -1.92
C LEU A 20 -13.07 -17.37 -1.21
N SER A 21 -13.07 -17.55 0.11
CA SER A 21 -14.21 -17.19 0.93
C SER A 21 -13.72 -16.43 2.15
N CYS A 22 -14.59 -15.60 2.71
CA CYS A 22 -14.27 -14.81 3.88
C CYS A 22 -15.51 -14.71 4.75
N ALA A 23 -15.42 -15.26 5.96
CA ALA A 23 -16.54 -15.25 6.89
C ALA A 23 -16.36 -14.12 7.90
N ALA A 24 -17.40 -13.32 8.07
CA ALA A 24 -17.39 -12.20 9.00
C ALA A 24 -18.21 -12.55 10.23
N SER A 25 -17.77 -12.05 11.38
CA SER A 25 -18.46 -12.32 12.63
C SER A 25 -18.27 -11.13 13.57
N GLY A 26 -19.18 -11.03 14.55
CA GLY A 26 -19.11 -9.99 15.56
C GLY A 26 -20.09 -8.85 15.35
N ARG A 27 -20.58 -8.67 14.14
CA ARG A 27 -21.53 -7.59 13.85
C ARG A 27 -22.32 -7.96 12.60
N THR A 28 -23.46 -7.31 12.43
CA THR A 28 -24.36 -7.66 11.34
C THR A 28 -23.65 -7.49 10.00
N PHE A 29 -23.52 -8.62 9.30
CA PHE A 29 -22.71 -8.67 8.08
C PHE A 29 -23.25 -7.72 7.02
N SER A 30 -24.57 -7.58 6.92
CA SER A 30 -25.19 -6.76 5.90
C SER A 30 -24.95 -5.27 6.09
N ASP A 31 -24.30 -4.86 7.18
CA ASP A 31 -23.95 -3.46 7.39
C ASP A 31 -22.64 -3.07 6.71
N TYR A 32 -21.95 -4.00 6.06
CA TYR A 32 -20.60 -3.76 5.58
C TYR A 32 -20.48 -3.99 4.08
N VAL A 33 -19.75 -3.08 3.43
CA VAL A 33 -19.19 -3.36 2.12
C VAL A 33 -18.02 -4.33 2.29
N MET A 34 -17.96 -5.33 1.43
CA MET A 34 -16.90 -6.33 1.49
C MET A 34 -15.97 -6.19 0.28
N GLY A 35 -14.67 -6.35 0.53
CA GLY A 35 -13.70 -6.13 -0.53
C GLY A 35 -12.60 -7.19 -0.48
N TRP A 36 -11.94 -7.32 -1.62
CA TRP A 36 -10.75 -8.15 -1.73
C TRP A 36 -9.59 -7.31 -2.24
N PHE A 37 -8.43 -7.50 -1.62
CA PHE A 37 -7.18 -6.90 -2.06
C PHE A 37 -6.16 -8.02 -2.24
N ARG A 38 -5.04 -7.69 -2.90
CA ARG A 38 -3.96 -8.66 -3.04
C ARG A 38 -2.64 -7.92 -3.02
N GLN A 39 -1.61 -8.62 -2.54
CA GLN A 39 -0.25 -8.08 -2.49
C GLN A 39 0.67 -9.13 -3.09
N ALA A 40 1.23 -8.81 -4.26
CA ALA A 40 2.30 -9.63 -4.79
C ALA A 40 3.60 -9.29 -4.04
N PRO A 41 4.54 -10.24 -3.99
CA PRO A 41 5.69 -10.05 -3.09
C PRO A 41 6.48 -8.78 -3.38
N GLY A 42 6.62 -8.39 -4.64
CA GLY A 42 7.38 -7.23 -5.02
C GLY A 42 6.59 -5.96 -5.23
N LYS A 43 5.27 -6.00 -5.07
CA LYS A 43 4.40 -4.85 -5.28
C LYS A 43 3.66 -4.51 -3.99
N GLU A 44 3.02 -3.34 -4.00
CA GLU A 44 2.20 -2.93 -2.88
C GLU A 44 0.80 -3.53 -3.02
N ARG A 45 0.11 -3.65 -1.89
CA ARG A 45 -1.23 -4.20 -1.88
C ARG A 45 -2.14 -3.38 -2.79
N THR A 46 -2.88 -4.06 -3.66
CA THR A 46 -3.72 -3.40 -4.65
C THR A 46 -5.14 -3.93 -4.58
N PHE A 47 -6.09 -3.09 -5.01
CA PHE A 47 -7.50 -3.42 -4.97
C PHE A 47 -7.86 -4.48 -6.02
N VAL A 48 -8.78 -5.38 -5.66
CA VAL A 48 -9.20 -6.45 -6.55
C VAL A 48 -10.69 -6.32 -6.86
N ALA A 49 -11.53 -6.28 -5.84
CA ALA A 49 -12.98 -6.21 -6.06
C ALA A 49 -13.67 -5.83 -4.76
N ARG A 50 -14.87 -5.24 -4.89
CA ARG A 50 -15.71 -4.96 -3.73
C ARG A 50 -17.17 -5.12 -4.11
N ILE A 51 -17.99 -5.37 -3.09
CA ILE A 51 -19.41 -5.68 -3.30
C ILE A 51 -20.23 -4.91 -2.28
N GLY A 52 -21.36 -4.37 -2.74
CA GLY A 52 -22.23 -3.59 -1.88
C GLY A 52 -22.94 -4.44 -0.84
N TRP A 53 -23.50 -3.73 0.14
CA TRP A 53 -24.13 -4.35 1.30
C TRP A 53 -25.09 -5.47 0.92
N SER A 54 -25.95 -5.22 -0.07
CA SER A 54 -26.98 -6.18 -0.44
C SER A 54 -26.50 -7.21 -1.46
N GLY A 55 -25.32 -7.01 -2.05
CA GLY A 55 -24.79 -7.93 -3.03
C GLY A 55 -25.11 -7.59 -4.47
N ASP A 56 -25.75 -6.45 -4.71
CA ASP A 56 -26.16 -6.05 -6.05
C ASP A 56 -25.07 -5.31 -6.82
N LEU A 57 -24.45 -4.31 -6.19
CA LEU A 57 -23.45 -3.50 -6.85
C LEU A 57 -22.07 -4.09 -6.64
N THR A 58 -21.32 -4.25 -7.73
CA THR A 58 -19.98 -4.80 -7.67
C THR A 58 -19.04 -3.93 -8.50
N TYR A 59 -17.77 -3.93 -8.11
CA TYR A 59 -16.74 -3.15 -8.78
C TYR A 59 -15.44 -3.95 -8.78
N TYR A 60 -14.77 -3.98 -9.93
CA TYR A 60 -13.59 -4.80 -10.14
C TYR A 60 -12.45 -3.95 -10.70
N ALA A 61 -11.23 -4.30 -10.28
CA ALA A 61 -10.04 -3.74 -10.92
C ALA A 61 -9.98 -4.18 -12.38
N ASP A 62 -9.40 -3.31 -13.22
CA ASP A 62 -9.28 -3.60 -14.64
C ASP A 62 -8.63 -4.96 -14.90
N SER A 63 -7.66 -5.33 -14.06
CA SER A 63 -6.84 -6.50 -14.33
C SER A 63 -7.57 -7.82 -14.09
N VAL A 64 -8.71 -7.79 -13.40
CA VAL A 64 -9.43 -9.01 -13.04
C VAL A 64 -10.86 -9.02 -13.54
N LYS A 65 -11.40 -7.88 -13.96
CA LYS A 65 -12.79 -7.84 -14.38
C LYS A 65 -13.02 -8.80 -15.53
N GLY A 66 -14.11 -9.57 -15.45
CA GLY A 66 -14.42 -10.58 -16.44
C GLY A 66 -13.90 -11.95 -16.10
N ARG A 67 -12.82 -12.04 -15.31
CA ARG A 67 -12.29 -13.31 -14.84
C ARG A 67 -12.66 -13.63 -13.41
N PHE A 68 -12.75 -12.61 -12.54
CA PHE A 68 -13.12 -12.80 -11.15
C PHE A 68 -14.56 -12.35 -10.93
N THR A 69 -15.24 -13.02 -10.00
CA THR A 69 -16.61 -12.68 -9.64
C THR A 69 -16.72 -12.62 -8.13
N ILE A 70 -17.17 -11.49 -7.61
CA ILE A 70 -17.40 -11.31 -6.17
C ILE A 70 -18.88 -11.45 -5.89
N SER A 71 -19.21 -12.13 -4.79
CA SER A 71 -20.59 -12.32 -4.38
C SER A 71 -20.62 -12.48 -2.87
N ARG A 72 -21.83 -12.44 -2.31
CA ARG A 72 -21.98 -12.59 -0.86
C ARG A 72 -23.28 -13.32 -0.56
N ASP A 73 -23.31 -13.96 0.59
CA ASP A 73 -24.51 -14.62 1.13
C ASP A 73 -24.71 -14.04 2.53
N ASN A 74 -25.65 -13.10 2.66
CA ASN A 74 -25.82 -12.41 3.93
C ASN A 74 -26.41 -13.31 5.01
N ALA A 75 -27.02 -14.43 4.62
CA ALA A 75 -27.50 -15.39 5.61
C ALA A 75 -26.37 -16.24 6.19
N LYS A 76 -25.24 -16.35 5.49
CA LYS A 76 -24.10 -17.13 5.95
C LYS A 76 -22.92 -16.24 6.36
N ASN A 77 -23.10 -14.92 6.34
CA ASN A 77 -22.07 -13.97 6.76
C ASN A 77 -20.77 -14.19 5.99
N THR A 78 -20.89 -14.48 4.69
CA THR A 78 -19.74 -14.87 3.89
C THR A 78 -19.70 -14.09 2.58
N VAL A 79 -18.50 -13.68 2.18
CA VAL A 79 -18.25 -13.11 0.86
C VAL A 79 -17.32 -14.06 0.11
N TYR A 80 -17.53 -14.17 -1.20
CA TYR A 80 -16.79 -15.09 -2.05
C TYR A 80 -16.06 -14.33 -3.14
N LEU A 81 -14.94 -14.90 -3.59
CA LEU A 81 -14.23 -14.40 -4.77
C LEU A 81 -13.94 -15.62 -5.65
N GLN A 82 -14.69 -15.74 -6.74
CA GLN A 82 -14.49 -16.81 -7.71
C GLN A 82 -13.49 -16.33 -8.75
N MET A 83 -12.31 -16.95 -8.78
CA MET A 83 -11.21 -16.53 -9.64
C MET A 83 -11.06 -17.54 -10.76
N ASN A 84 -11.49 -17.17 -11.96
CA ASN A 84 -11.36 -18.03 -13.13
C ASN A 84 -10.24 -17.56 -14.04
N SER A 85 -9.81 -18.45 -14.94
CA SER A 85 -8.81 -18.14 -15.96
C SER A 85 -7.55 -17.55 -15.33
N LEU A 86 -7.06 -18.21 -14.29
CA LEU A 86 -5.96 -17.67 -13.49
C LEU A 86 -4.69 -17.56 -14.31
N LYS A 87 -3.95 -16.48 -14.09
CA LYS A 87 -2.66 -16.22 -14.70
C LYS A 87 -1.56 -16.29 -13.65
N PRO A 88 -0.31 -16.55 -14.07
CA PRO A 88 0.80 -16.45 -13.11
C PRO A 88 0.84 -15.12 -12.37
N GLU A 89 0.45 -14.03 -13.03
CA GLU A 89 0.48 -12.72 -12.40
C GLU A 89 -0.63 -12.53 -11.37
N ASP A 90 -1.55 -13.49 -11.24
CA ASP A 90 -2.51 -13.46 -10.14
C ASP A 90 -1.93 -14.02 -8.85
N THR A 91 -0.72 -14.57 -8.88
CA THR A 91 -0.06 -15.06 -7.68
C THR A 91 0.14 -13.91 -6.70
N ALA A 92 -0.35 -14.10 -5.47
CA ALA A 92 -0.31 -13.05 -4.46
C ALA A 92 -0.93 -13.58 -3.18
N ILE A 93 -0.79 -12.80 -2.11
CA ILE A 93 -1.57 -13.00 -0.90
C ILE A 93 -2.84 -12.16 -1.03
N TYR A 94 -3.99 -12.80 -0.84
CA TYR A 94 -5.28 -12.13 -1.00
C TYR A 94 -5.87 -11.83 0.36
N TYR A 95 -6.33 -10.59 0.55
CA TYR A 95 -6.86 -10.12 1.82
C TYR A 95 -8.33 -9.78 1.67
N CYS A 96 -9.13 -10.23 2.62
CA CYS A 96 -10.51 -9.80 2.76
C CYS A 96 -10.56 -8.51 3.57
N ALA A 97 -11.55 -7.66 3.27
CA ALA A 97 -11.68 -6.39 3.98
C ALA A 97 -13.15 -6.02 4.10
N ALA A 98 -13.46 -5.25 5.13
CA ALA A 98 -14.83 -4.84 5.41
C ALA A 98 -14.86 -3.39 5.85
N ASP A 99 -15.93 -2.69 5.47
CA ASP A 99 -16.11 -1.31 5.89
C ASP A 99 -17.58 -0.95 5.70
N GLU A 100 -18.09 -0.10 6.59
CA GLU A 100 -19.48 0.31 6.48
C GLU A 100 -19.72 1.21 5.27
N ARG A 101 -18.68 1.86 4.76
CA ARG A 101 -18.81 2.84 3.69
C ARG A 101 -18.34 2.26 2.37
N TRP A 102 -18.87 2.81 1.29
CA TRP A 102 -18.50 2.41 -0.07
C TRP A 102 -17.46 3.37 -0.64
N GLY A 106 -9.52 2.62 -1.02
N GLY A 106 -8.35 3.11 -0.92
CA GLY A 106 -8.51 1.73 -0.49
CA GLY A 106 -8.51 1.73 -0.48
C GLY A 106 -8.56 1.60 1.02
C GLY A 106 -8.56 1.60 1.02
N LYS A 107 -9.29 2.50 1.67
CA LYS A 107 -9.42 2.52 3.12
C LYS A 107 -10.55 1.59 3.55
N PHE A 108 -10.21 0.56 4.31
CA PHE A 108 -11.18 -0.35 4.91
C PHE A 108 -10.85 -0.50 6.38
N ASP A 109 -11.88 -0.49 7.22
CA ASP A 109 -11.66 -0.51 8.66
C ASP A 109 -11.13 -1.86 9.13
N TYR A 110 -11.60 -2.96 8.53
CA TYR A 110 -11.29 -4.30 9.00
C TYR A 110 -10.63 -5.12 7.90
N TRP A 111 -9.64 -5.91 8.29
CA TRP A 111 -8.85 -6.70 7.36
C TRP A 111 -8.70 -8.12 7.88
N GLY A 112 -8.67 -9.07 6.95
CA GLY A 112 -8.33 -10.44 7.28
C GLY A 112 -6.83 -10.63 7.34
N GLN A 113 -6.44 -11.88 7.60
CA GLN A 113 -5.03 -12.22 7.77
C GLN A 113 -4.35 -12.58 6.46
N GLY A 114 -5.10 -12.76 5.38
CA GLY A 114 -4.51 -13.06 4.09
C GLY A 114 -4.43 -14.55 3.81
N THR A 115 -4.62 -14.92 2.55
CA THR A 115 -4.46 -16.30 2.11
C THR A 115 -3.67 -16.31 0.81
N GLN A 116 -2.71 -17.23 0.72
CA GLN A 116 -1.84 -17.29 -0.45
C GLN A 116 -2.51 -18.00 -1.61
N VAL A 117 -2.36 -17.43 -2.80
CA VAL A 117 -2.80 -18.05 -4.05
C VAL A 117 -1.58 -18.11 -4.96
N THR A 118 -1.24 -19.31 -5.43
CA THR A 118 -0.10 -19.51 -6.31
C THR A 118 -0.59 -20.11 -7.62
N VAL A 119 -0.26 -19.45 -8.73
CA VAL A 119 -0.66 -19.89 -10.07
C VAL A 119 0.60 -20.33 -10.79
N SER A 120 0.73 -21.63 -11.03
CA SER A 120 1.92 -22.17 -11.67
C SER A 120 1.87 -21.97 -13.18
N SER A 121 3.02 -21.64 -13.76
CA SER A 121 3.10 -21.39 -15.20
C SER A 121 3.34 -22.68 -15.95
N GLU B 1 14.32 -0.92 -12.92
CA GLU B 1 14.29 -1.57 -11.62
C GLU B 1 15.34 -0.96 -10.70
N VAL B 2 14.94 -0.62 -9.48
CA VAL B 2 15.84 -0.01 -8.51
C VAL B 2 15.49 -0.53 -7.12
N GLN B 3 16.52 -0.79 -6.32
CA GLN B 3 16.37 -1.10 -4.91
C GLN B 3 16.60 0.15 -4.09
N LEU B 4 15.85 0.29 -2.99
CA LEU B 4 15.87 1.49 -2.18
C LEU B 4 16.05 1.11 -0.71
N VAL B 5 16.82 1.92 0.02
CA VAL B 5 17.05 1.70 1.44
C VAL B 5 17.11 3.05 2.14
N GLU B 6 16.27 3.24 3.15
CA GLU B 6 16.22 4.48 3.92
C GLU B 6 17.19 4.42 5.09
N SER B 7 17.63 5.61 5.52
CA SER B 7 18.42 5.75 6.73
C SER B 7 18.18 7.15 7.29
N GLY B 8 18.72 7.39 8.48
CA GLY B 8 18.61 8.68 9.11
C GLY B 8 17.46 8.83 10.08
N GLY B 9 16.64 7.80 10.26
CA GLY B 9 15.56 7.88 11.21
C GLY B 9 16.06 7.72 12.64
N GLY B 10 15.18 8.05 13.58
CA GLY B 10 15.52 7.87 14.97
C GLY B 10 14.58 8.66 15.87
N LEU B 11 15.12 9.07 17.01
CA LEU B 11 14.36 9.70 18.08
C LEU B 11 14.81 11.15 18.20
N VAL B 12 13.84 12.08 18.27
CA VAL B 12 14.13 13.50 18.35
C VAL B 12 13.07 14.18 19.20
N GLN B 13 13.44 15.32 19.79
CA GLN B 13 12.51 16.08 20.60
C GLN B 13 11.64 16.98 19.72
N ALA B 14 10.45 17.30 20.23
CA ALA B 14 9.54 18.18 19.51
C ALA B 14 10.24 19.48 19.16
N GLY B 15 9.99 19.97 17.94
CA GLY B 15 10.69 21.11 17.41
C GLY B 15 12.01 20.79 16.76
N GLY B 16 12.54 19.59 16.96
CA GLY B 16 13.81 19.18 16.40
C GLY B 16 13.68 18.72 14.97
N SER B 17 14.78 18.17 14.46
CA SER B 17 14.90 17.87 13.04
C SER B 17 15.61 16.54 12.82
N LEU B 18 15.28 15.92 11.69
CA LEU B 18 15.99 14.77 11.17
C LEU B 18 16.15 14.96 9.67
N ARG B 19 17.24 14.45 9.13
CA ARG B 19 17.46 14.42 7.68
C ARG B 19 17.47 12.96 7.25
N LEU B 20 16.37 12.52 6.66
CA LEU B 20 16.31 11.18 6.11
C LEU B 20 16.98 11.14 4.75
N SER B 21 17.59 9.99 4.45
CA SER B 21 18.17 9.74 3.15
C SER B 21 17.66 8.40 2.64
N CYS B 22 17.69 8.25 1.32
CA CYS B 22 17.24 7.03 0.66
CA CYS B 22 17.23 7.04 0.64
C CYS B 22 18.17 6.78 -0.53
N ALA B 23 18.95 5.69 -0.44
CA ALA B 23 19.91 5.36 -1.48
C ALA B 23 19.29 4.38 -2.47
N ALA B 24 19.63 4.55 -3.74
CA ALA B 24 19.11 3.74 -4.83
C ALA B 24 20.25 3.01 -5.53
N SER B 25 19.91 1.92 -6.24
N SER B 25 19.90 1.87 -6.13
CA SER B 25 20.92 1.04 -6.81
CA SER B 25 20.83 1.05 -6.88
C SER B 25 20.83 0.93 -8.34
C SER B 25 20.05 0.36 -7.98
N GLY B 26 19.74 0.39 -8.87
N GLY B 26 20.57 0.41 -9.21
CA GLY B 26 19.71 -0.09 -10.24
CA GLY B 26 19.88 -0.12 -10.35
C GLY B 26 19.78 0.95 -11.34
C GLY B 26 19.87 0.87 -11.50
N ARG B 27 18.72 1.04 -12.14
CA ARG B 27 18.64 1.97 -13.27
C ARG B 27 19.12 3.35 -12.89
N THR B 28 19.53 4.13 -13.89
CA THR B 28 20.05 5.47 -13.66
C THR B 28 19.11 6.25 -12.75
N PHE B 29 19.66 6.81 -11.66
CA PHE B 29 18.83 7.42 -10.64
C PHE B 29 18.00 8.56 -11.19
N SER B 30 18.56 9.34 -12.11
CA SER B 30 17.85 10.48 -12.68
C SER B 30 16.68 10.06 -13.55
N ASP B 31 16.48 8.77 -13.79
CA ASP B 31 15.32 8.30 -14.53
C ASP B 31 14.07 8.22 -13.67
N TYR B 32 14.16 8.49 -12.36
CA TYR B 32 13.08 8.21 -11.43
C TYR B 32 12.63 9.47 -10.72
N VAL B 33 11.30 9.67 -10.69
CA VAL B 33 10.69 10.56 -9.72
C VAL B 33 10.75 9.88 -8.36
N MET B 34 11.15 10.62 -7.32
CA MET B 34 11.30 10.08 -5.98
C MET B 34 10.25 10.69 -5.06
N GLY B 35 9.72 9.87 -4.15
CA GLY B 35 8.72 10.32 -3.21
C GLY B 35 8.99 9.79 -1.82
N TRP B 36 8.40 10.48 -0.84
CA TRP B 36 8.42 10.06 0.54
C TRP B 36 6.98 9.88 1.03
N PHE B 37 6.76 8.81 1.78
CA PHE B 37 5.48 8.49 2.38
C PHE B 37 5.71 8.18 3.86
N ARG B 38 4.64 8.12 4.63
CA ARG B 38 4.75 7.75 6.03
C ARG B 38 3.51 6.98 6.44
N GLN B 39 3.68 6.09 7.42
CA GLN B 39 2.58 5.31 7.98
C GLN B 39 2.63 5.42 9.49
N ALA B 40 1.66 6.11 10.07
CA ALA B 40 1.54 6.17 11.51
C ALA B 40 0.89 4.87 12.02
N PRO B 41 1.16 4.48 13.27
N PRO B 41 1.01 4.60 13.33
CA PRO B 41 0.84 3.11 13.66
CA PRO B 41 0.35 3.42 13.91
C PRO B 41 -0.63 2.75 13.51
C PRO B 41 -1.09 3.25 13.44
N GLY B 42 -1.54 3.73 13.62
N GLY B 42 -1.40 2.09 12.87
CA GLY B 42 -2.95 3.44 13.52
CA GLY B 42 -2.74 1.81 12.40
C GLY B 42 -3.62 4.04 12.30
C GLY B 42 -3.12 2.60 11.16
N LYS B 43 -2.83 4.40 11.29
N LYS B 43 -3.05 3.92 11.24
CA LYS B 43 -3.36 5.06 10.10
CA LYS B 43 -3.43 4.80 10.14
C LYS B 43 -2.82 4.37 8.84
C LYS B 43 -2.82 4.34 8.82
N GLU B 44 -3.41 4.74 7.70
CA GLU B 44 -2.95 4.30 6.40
C GLU B 44 -1.70 5.07 6.00
N ARG B 45 -0.96 4.51 5.05
CA ARG B 45 0.21 5.19 4.52
C ARG B 45 -0.23 6.41 3.71
N THR B 46 0.43 7.55 3.95
CA THR B 46 0.02 8.82 3.36
C THR B 46 1.20 9.49 2.68
N PHE B 47 0.90 10.30 1.68
CA PHE B 47 1.91 11.01 0.91
C PHE B 47 2.54 12.12 1.75
N VAL B 48 3.86 12.31 1.58
CA VAL B 48 4.61 13.35 2.27
C VAL B 48 5.21 14.36 1.29
N ALA B 49 5.94 13.88 0.29
CA ALA B 49 6.57 14.79 -0.67
C ALA B 49 7.05 13.98 -1.88
N ARG B 50 7.26 14.68 -2.99
CA ARG B 50 7.88 14.07 -4.16
C ARG B 50 8.69 15.12 -4.90
N ILE B 51 9.65 14.63 -5.68
CA ILE B 51 10.62 15.49 -6.36
C ILE B 51 10.86 14.93 -7.76
N GLY B 52 10.92 15.83 -8.74
CA GLY B 52 11.10 15.43 -10.11
C GLY B 52 12.51 14.94 -10.39
N TRP B 53 12.70 14.46 -11.62
CA TRP B 53 13.93 13.77 -11.99
C TRP B 53 15.17 14.60 -11.67
N SER B 54 15.15 15.89 -12.02
CA SER B 54 16.30 16.75 -11.79
C SER B 54 16.25 17.47 -10.46
N GLY B 55 15.05 17.71 -9.93
CA GLY B 55 14.88 18.34 -8.63
C GLY B 55 14.30 19.73 -8.66
N ASP B 56 14.03 20.29 -9.85
CA ASP B 56 13.46 21.62 -9.91
C ASP B 56 11.98 21.64 -9.50
N LEU B 57 11.28 20.51 -9.67
CA LEU B 57 9.89 20.39 -9.26
C LEU B 57 9.81 19.62 -7.96
N THR B 58 9.22 20.24 -6.94
CA THR B 58 8.99 19.61 -5.65
C THR B 58 7.56 19.88 -5.21
N TYR B 59 6.99 18.90 -4.49
CA TYR B 59 5.60 18.97 -4.05
C TYR B 59 5.50 18.39 -2.64
N TYR B 60 4.63 18.98 -1.83
CA TYR B 60 4.52 18.62 -0.42
C TYR B 60 3.07 18.45 -0.01
N ALA B 61 2.84 17.49 0.90
CA ALA B 61 1.55 17.38 1.54
C ALA B 61 1.31 18.59 2.44
N ASP B 62 0.04 18.99 2.56
CA ASP B 62 -0.28 20.19 3.33
C ASP B 62 0.18 20.06 4.78
N SER B 63 0.27 18.84 5.31
CA SER B 63 0.63 18.65 6.71
C SER B 63 2.11 18.94 6.98
N VAL B 64 2.95 19.02 5.95
CA VAL B 64 4.39 19.19 6.17
C VAL B 64 4.93 20.38 5.40
N LYS B 65 4.12 20.99 4.54
CA LYS B 65 4.58 22.13 3.75
C LYS B 65 5.10 23.24 4.66
N GLY B 66 6.26 23.79 4.31
CA GLY B 66 6.90 24.80 5.12
C GLY B 66 7.76 24.26 6.25
N ARG B 67 7.71 22.96 6.51
CA ARG B 67 8.54 22.31 7.53
C ARG B 67 9.50 21.29 6.95
N PHE B 68 9.11 20.59 5.90
CA PHE B 68 9.94 19.57 5.27
C PHE B 68 10.46 20.08 3.93
N THR B 69 11.65 19.63 3.56
CA THR B 69 12.25 19.96 2.28
C THR B 69 12.80 18.70 1.65
N ILE B 70 12.37 18.40 0.43
CA ILE B 70 12.86 17.24 -0.31
C ILE B 70 13.89 17.70 -1.32
N SER B 71 14.97 16.94 -1.44
CA SER B 71 16.07 17.26 -2.35
C SER B 71 16.69 15.94 -2.81
N ARG B 72 17.58 16.05 -3.80
CA ARG B 72 18.22 14.85 -4.33
C ARG B 72 19.61 15.21 -4.85
N ASP B 73 20.49 14.20 -4.85
CA ASP B 73 21.85 14.30 -5.37
C ASP B 73 22.00 13.15 -6.37
N ASN B 74 21.72 13.43 -7.64
CA ASN B 74 21.72 12.36 -8.62
C ASN B 74 23.11 11.75 -8.80
N ALA B 75 24.16 12.51 -8.50
CA ALA B 75 25.51 11.96 -8.56
C ALA B 75 25.75 10.93 -7.47
N LYS B 76 25.00 10.98 -6.37
CA LYS B 76 25.14 10.03 -5.27
C LYS B 76 23.98 9.05 -5.19
N ASN B 77 23.06 9.08 -6.14
CA ASN B 77 21.91 8.17 -6.16
C ASN B 77 21.14 8.24 -4.84
N THR B 78 20.93 9.46 -4.34
CA THR B 78 20.32 9.65 -3.03
C THR B 78 19.27 10.75 -3.08
N VAL B 79 18.14 10.50 -2.43
CA VAL B 79 17.11 11.51 -2.21
C VAL B 79 17.03 11.76 -0.71
N TYR B 80 16.78 13.01 -0.32
CA TYR B 80 16.80 13.41 1.07
C TYR B 80 15.44 13.99 1.47
N LEU B 81 15.15 13.91 2.76
CA LEU B 81 14.01 14.58 3.36
C LEU B 81 14.50 15.28 4.63
N GLN B 82 14.65 16.60 4.54
CA GLN B 82 14.99 17.41 5.71
C GLN B 82 13.71 17.73 6.46
N MET B 83 13.58 17.21 7.68
CA MET B 83 12.36 17.35 8.48
C MET B 83 12.65 18.31 9.62
N ASN B 84 12.06 19.50 9.55
CA ASN B 84 12.21 20.50 10.59
C ASN B 84 10.93 20.62 11.40
N SER B 85 11.05 21.23 12.58
CA SER B 85 9.91 21.53 13.44
C SER B 85 9.02 20.30 13.61
N LEU B 86 9.65 19.20 13.99
CA LEU B 86 8.93 17.94 14.13
C LEU B 86 7.97 18.00 15.31
N LYS B 87 6.83 17.34 15.16
CA LYS B 87 5.79 17.28 16.16
C LYS B 87 5.46 15.83 16.46
N PRO B 88 4.88 15.55 17.64
CA PRO B 88 4.54 14.15 17.97
C PRO B 88 3.74 13.45 16.90
N GLU B 89 2.82 14.15 16.21
CA GLU B 89 2.03 13.51 15.17
C GLU B 89 2.84 13.19 13.93
N ASP B 90 4.10 13.63 13.84
CA ASP B 90 4.99 13.21 12.77
C ASP B 90 5.60 11.83 13.01
N THR B 91 5.41 11.25 14.19
CA THR B 91 5.92 9.91 14.46
C THR B 91 5.29 8.91 13.50
N ALA B 92 6.13 8.12 12.84
CA ALA B 92 5.68 7.17 11.84
C ALA B 92 6.88 6.49 11.23
N ILE B 93 6.62 5.43 10.48
CA ILE B 93 7.61 4.82 9.61
C ILE B 93 7.59 5.57 8.29
N TYR B 94 8.74 6.05 7.85
CA TYR B 94 8.85 6.83 6.62
C TYR B 94 9.43 5.96 5.52
N TYR B 95 8.78 5.99 4.34
CA TYR B 95 9.15 5.16 3.20
C TYR B 95 9.54 6.02 2.02
N CYS B 96 10.62 5.64 1.34
CA CYS B 96 10.95 6.26 0.07
CA CYS B 96 11.03 6.21 0.08
C CYS B 96 10.46 5.38 -1.07
N ALA B 97 10.15 6.04 -2.19
CA ALA B 97 9.56 5.37 -3.33
C ALA B 97 10.11 5.99 -4.61
N ALA B 98 10.10 5.19 -5.69
CA ALA B 98 10.64 5.61 -6.96
C ALA B 98 9.71 5.18 -8.08
N ASP B 99 9.59 6.04 -9.10
CA ASP B 99 8.78 5.75 -10.28
C ASP B 99 9.35 6.54 -11.45
N GLU B 100 9.44 5.90 -12.62
CA GLU B 100 9.96 6.60 -13.79
C GLU B 100 9.00 7.68 -14.27
N ARG B 101 7.72 7.59 -13.91
N ARG B 101 7.71 7.55 -13.98
CA ARG B 101 6.74 8.63 -14.23
CA ARG B 101 6.69 8.46 -14.50
C ARG B 101 6.05 9.09 -12.95
C ARG B 101 6.20 9.38 -13.38
N TRP B 102 4.82 9.58 -13.07
N TRP B 102 5.90 10.62 -13.75
CA TRP B 102 4.07 10.05 -11.90
CA TRP B 102 5.41 11.60 -12.79
C TRP B 102 3.38 8.87 -11.22
C TRP B 102 4.07 11.14 -12.20
N GLY B 106 -0.09 8.45 -5.89
CA GLY B 106 0.31 7.57 -4.80
C GLY B 106 0.90 6.25 -5.28
N LYS B 107 0.68 5.94 -6.56
CA LYS B 107 1.15 4.68 -7.13
C LYS B 107 2.61 4.83 -7.56
N PHE B 108 3.51 4.25 -6.77
CA PHE B 108 4.93 4.19 -7.11
C PHE B 108 5.33 2.74 -7.33
N ASP B 109 6.18 2.50 -8.34
CA ASP B 109 6.52 1.14 -8.72
C ASP B 109 7.47 0.49 -7.72
N TYR B 110 8.34 1.26 -7.08
CA TYR B 110 9.38 0.70 -6.23
C TYR B 110 9.38 1.38 -4.87
N TRP B 111 9.62 0.60 -3.82
CA TRP B 111 9.46 1.05 -2.45
C TRP B 111 10.64 0.59 -1.60
N GLY B 112 11.02 1.45 -0.65
CA GLY B 112 12.01 1.08 0.34
C GLY B 112 11.39 0.25 1.45
N GLN B 113 12.20 0.06 2.50
CA GLN B 113 11.83 -0.78 3.63
C GLN B 113 11.32 0.01 4.83
N GLY B 114 11.47 1.33 4.81
CA GLY B 114 10.99 2.15 5.90
C GLY B 114 12.05 2.43 6.94
N THR B 115 11.93 3.58 7.58
CA THR B 115 12.79 3.93 8.71
C THR B 115 11.93 4.62 9.76
N GLN B 116 12.09 4.22 11.03
CA GLN B 116 11.24 4.72 12.09
C GLN B 116 11.67 6.12 12.51
N VAL B 117 10.69 7.00 12.63
CA VAL B 117 10.88 8.34 13.17
C VAL B 117 9.96 8.47 14.38
N THR B 118 10.54 8.83 15.52
CA THR B 118 9.80 8.93 16.77
C THR B 118 10.07 10.30 17.37
N VAL B 119 9.02 11.07 17.59
CA VAL B 119 9.14 12.45 18.07
C VAL B 119 8.63 12.49 19.51
N SER B 120 9.48 12.95 20.43
CA SER B 120 9.10 13.08 21.82
C SER B 120 8.25 14.33 22.01
N SER B 121 7.31 14.24 22.94
CA SER B 121 6.44 15.37 23.25
C SER B 121 7.15 16.37 24.15
#